data_9BRJ
#
_entry.id   9BRJ
#
_cell.length_a   137.475
_cell.length_b   137.475
_cell.length_c   70.766
_cell.angle_alpha   90.000
_cell.angle_beta   90.000
_cell.angle_gamma   90.000
#
_symmetry.space_group_name_H-M   'P 41 21 2'
#
loop_
_entity.id
_entity.type
_entity.pdbx_description
1 polymer 'G protein-coupled receptor kinase 5'
2 non-polymer (4S)-N-{5-[(Z)-(5-{[(1R)-1-(4-fluorophenyl)ethyl]carbamoyl}-2-oxo-2,7-dihydro-3H-indol-3-ylidene)methyl]-2,4-dimethyl-1H-pyrrol-3-yl}-2-methylimidazo[1,2-a]pyridine-3-carboxamide
3 water water
#
_entity_poly.entity_id   1
_entity_poly.type   'polypeptide(L)'
_entity_poly.pdbx_seq_one_letter_code
;MELENIVANTVLLKAREGGGGKRKGKSKKWKEILKFPHISQCEDLRRTIDRDYCSLCDKQPIGRLLFRQFCETRPGLECY
IQFLDSVAEYEVTPDEKLGEKGKEIMTKYLTPKSPVFIAQVGQDLVSQTEEKLLQKPCKELFSACAQSVHEYLRGEPFHE
YLDSMFFDRFLQWKWLERQPVTKNTFRQYRVLGKGGFGEVCACQVRATGKMYACKRLEKKRIKKRKGESMALNEKQILEK
VNSQFVVNLAYAYETKDALCLVLTIMNGGDLKFHIYNMGNPGFEEERALFYAAEILCGLEDLHRENTVYRNLKPENILLD
DYGHIRISDLGLAVKIPEGDLIRGRVGTVGYMAPEVLNNQRYGLSPDYWGLGCLIYEMIEGQSPFRGRKEKVKREEVDRR
VLETEEVYSHKFSEEAKSICKMLLTKDAKQRLGCQEEGAAEVKRHPFFRNMNFKRLEAGMLDPPFVPDPRAVYCKDVLDI
EQFSTVKGVNLDHTDDDFYSKFSTGSVSIPWQNEMIETECFKELNVFGPNGTLPPDLNRNHPPEPPKKGLLQRLFKRQHQ
NNSKSSPSSKTSFNHHINSNHVSSNSTGSSVDHHHHHH
;
_entity_poly.pdbx_strand_id   A
#
loop_
_chem_comp.id
_chem_comp.type
_chem_comp.name
_chem_comp.formula
A1AQ9 non-polymer (4S)-N-{5-[(Z)-(5-{[(1R)-1-(4-fluorophenyl)ethyl]carbamoyl}-2-oxo-2,7-dihydro-3H-indol-3-ylidene)methyl]-2,4-dimethyl-1H-pyrrol-3-yl}-2-methylimidazo[1,2-a]pyridine-3-carboxamide 'C33 H29 F N6 O3'
#
# COMPACT_ATOMS: atom_id res chain seq x y z
N GLY A 25 -14.46 14.90 12.92
CA GLY A 25 -15.88 15.07 13.16
C GLY A 25 -16.62 13.74 13.23
N LYS A 26 -16.49 13.06 14.37
CA LYS A 26 -17.16 11.78 14.54
C LYS A 26 -18.61 11.98 14.94
N SER A 27 -19.43 10.96 14.67
CA SER A 27 -20.83 11.01 15.05
C SER A 27 -20.96 11.21 16.57
N LYS A 28 -22.05 11.88 16.97
CA LYS A 28 -22.26 12.17 18.38
C LYS A 28 -22.21 10.89 19.22
N LYS A 29 -22.84 9.82 18.75
CA LYS A 29 -22.91 8.56 19.49
C LYS A 29 -21.91 7.54 18.95
N TRP A 30 -20.68 7.98 18.68
CA TRP A 30 -19.71 7.07 18.09
C TRP A 30 -19.18 6.06 19.09
N LYS A 31 -19.08 6.45 20.37
CA LYS A 31 -18.64 5.50 21.39
C LYS A 31 -19.65 4.39 21.63
N GLU A 32 -20.89 4.57 21.17
CA GLU A 32 -21.87 3.49 21.22
C GLU A 32 -21.84 2.62 19.98
N ILE A 33 -21.49 3.18 18.82
CA ILE A 33 -21.36 2.37 17.61
C ILE A 33 -20.18 1.41 17.75
N LEU A 34 -19.00 1.94 18.07
CA LEU A 34 -17.82 1.12 18.27
C LEU A 34 -17.71 0.62 19.72
N LYS A 35 -18.82 0.53 20.44
CA LYS A 35 -18.79 -0.02 21.79
C LYS A 35 -18.32 -1.46 21.75
N PHE A 36 -17.35 -1.79 22.59
CA PHE A 36 -16.82 -3.15 22.61
C PHE A 36 -17.92 -4.14 22.98
N PRO A 37 -17.98 -5.30 22.33
CA PRO A 37 -18.87 -6.37 22.81
C PRO A 37 -18.26 -7.07 24.01
N HIS A 38 -19.13 -7.69 24.80
CA HIS A 38 -18.65 -8.51 25.90
C HIS A 38 -17.86 -9.69 25.34
N ILE A 39 -16.75 -10.03 26.01
CA ILE A 39 -15.86 -11.05 25.50
C ILE A 39 -16.57 -12.37 25.24
N SER A 40 -17.70 -12.60 25.91
CA SER A 40 -18.46 -13.82 25.68
C SER A 40 -19.06 -13.88 24.28
N GLN A 41 -19.13 -12.75 23.59
CA GLN A 41 -19.67 -12.72 22.23
C GLN A 41 -18.66 -13.16 21.19
N CYS A 42 -17.40 -13.36 21.57
CA CYS A 42 -16.33 -13.56 20.60
C CYS A 42 -15.78 -14.98 20.59
N GLU A 43 -16.44 -15.92 21.26
CA GLU A 43 -15.92 -17.29 21.28
C GLU A 43 -15.87 -17.87 19.87
N ASP A 44 -16.87 -17.59 19.04
CA ASP A 44 -16.83 -18.06 17.65
C ASP A 44 -15.62 -17.51 16.92
N LEU A 45 -15.26 -16.25 17.18
CA LEU A 45 -14.05 -15.70 16.62
C LEU A 45 -12.82 -16.38 17.20
N ARG A 46 -12.79 -16.56 18.52
CA ARG A 46 -11.60 -17.12 19.17
C ARG A 46 -11.18 -18.43 18.52
N ARG A 47 -12.14 -19.26 18.14
CA ARG A 47 -11.84 -20.61 17.67
C ARG A 47 -11.76 -20.72 16.15
N THR A 48 -11.98 -19.63 15.42
CA THR A 48 -11.84 -19.65 13.96
C THR A 48 -10.66 -18.85 13.46
N ILE A 49 -10.26 -17.78 14.16
CA ILE A 49 -9.11 -17.00 13.73
C ILE A 49 -7.85 -17.84 13.83
N ASP A 50 -7.10 -17.92 12.73
CA ASP A 50 -5.84 -18.67 12.73
C ASP A 50 -4.83 -17.96 13.62
N ARG A 51 -4.27 -18.67 14.59
CA ARG A 51 -3.31 -18.12 15.53
C ARG A 51 -1.92 -18.02 14.90
N ASP A 52 -1.84 -17.19 13.86
CA ASP A 52 -0.59 -16.96 13.15
C ASP A 52 0.12 -15.75 13.73
N TYR A 53 1.37 -15.94 14.14
CA TYR A 53 2.11 -14.88 14.84
C TYR A 53 2.26 -13.65 13.95
N CYS A 54 2.74 -13.85 12.72
CA CYS A 54 2.94 -12.70 11.83
C CYS A 54 1.65 -11.95 11.57
N SER A 55 0.53 -12.67 11.50
CA SER A 55 -0.75 -12.01 11.22
C SER A 55 -1.26 -11.28 12.46
N LEU A 56 -1.22 -11.92 13.62
CA LEU A 56 -1.83 -11.35 14.82
C LEU A 56 -0.94 -10.33 15.53
N CYS A 57 0.36 -10.31 15.21
CA CYS A 57 1.28 -9.42 15.91
C CYS A 57 2.00 -8.44 15.00
N ASP A 58 1.81 -8.51 13.68
CA ASP A 58 2.54 -7.60 12.79
C ASP A 58 1.66 -7.09 11.66
N LYS A 59 1.17 -7.99 10.80
CA LYS A 59 0.40 -7.56 9.65
C LYS A 59 -0.80 -6.72 10.05
N GLN A 60 -1.55 -7.17 11.05
CA GLN A 60 -2.75 -6.45 11.46
C GLN A 60 -2.38 -5.33 12.44
N PRO A 61 -2.65 -4.07 12.10
CA PRO A 61 -2.16 -2.97 12.96
C PRO A 61 -2.62 -3.06 14.41
N ILE A 62 -3.92 -3.30 14.64
CA ILE A 62 -4.43 -3.30 16.01
C ILE A 62 -3.87 -4.49 16.78
N GLY A 63 -3.72 -5.64 16.12
CA GLY A 63 -3.09 -6.76 16.78
C GLY A 63 -1.64 -6.48 17.13
N ARG A 64 -0.92 -5.80 16.23
CA ARG A 64 0.46 -5.42 16.52
C ARG A 64 0.54 -4.51 17.74
N LEU A 65 -0.33 -3.50 17.81
CA LEU A 65 -0.32 -2.61 18.96
C LEU A 65 -0.66 -3.36 20.24
N LEU A 66 -1.66 -4.24 20.18
CA LEU A 66 -2.08 -4.95 21.38
C LEU A 66 -1.01 -5.92 21.87
N PHE A 67 -0.31 -6.58 20.95
CA PHE A 67 0.79 -7.44 21.37
C PHE A 67 1.93 -6.62 21.96
N ARG A 68 2.29 -5.51 21.32
CA ARG A 68 3.29 -4.63 21.90
C ARG A 68 2.88 -4.14 23.27
N GLN A 69 1.60 -3.80 23.43
CA GLN A 69 1.10 -3.37 24.74
C GLN A 69 1.21 -4.50 25.76
N PHE A 70 0.96 -5.74 25.34
CA PHE A 70 1.14 -6.88 26.23
C PHE A 70 2.59 -6.99 26.68
N CYS A 71 3.53 -6.87 25.74
CA CYS A 71 4.94 -6.95 26.08
C CYS A 71 5.36 -5.81 27.00
N GLU A 72 4.68 -4.66 26.90
CA GLU A 72 5.03 -3.54 27.77
C GLU A 72 4.80 -3.87 29.24
N THR A 73 3.89 -4.80 29.53
CA THR A 73 3.62 -5.14 30.92
C THR A 73 4.72 -6.03 31.51
N ARG A 74 5.07 -7.11 30.81
CA ARG A 74 6.13 -7.98 31.27
C ARG A 74 7.47 -7.26 31.21
N PRO A 75 8.29 -7.31 32.26
CA PRO A 75 9.59 -6.63 32.17
C PRO A 75 10.54 -7.30 31.20
N GLY A 76 10.42 -8.61 30.98
CA GLY A 76 11.37 -9.31 30.14
C GLY A 76 11.18 -9.07 28.66
N LEU A 77 9.97 -8.72 28.23
CA LEU A 77 9.70 -8.54 26.82
C LEU A 77 9.86 -7.10 26.35
N GLU A 78 9.68 -6.13 27.26
CA GLU A 78 9.78 -4.72 26.88
C GLU A 78 11.07 -4.44 26.12
N CYS A 79 12.19 -5.00 26.58
CA CYS A 79 13.47 -4.72 25.96
C CYS A 79 13.50 -5.14 24.50
N TYR A 80 12.84 -6.26 24.17
CA TYR A 80 12.85 -6.74 22.80
C TYR A 80 12.03 -5.83 21.89
N ILE A 81 10.93 -5.28 22.40
CA ILE A 81 10.14 -4.34 21.61
C ILE A 81 10.92 -3.06 21.36
N GLN A 82 11.58 -2.53 22.39
CA GLN A 82 12.38 -1.33 22.23
C GLN A 82 13.51 -1.55 21.23
N PHE A 83 14.15 -2.72 21.28
CA PHE A 83 15.23 -3.01 20.36
C PHE A 83 14.75 -3.02 18.92
N LEU A 84 13.64 -3.72 18.65
CA LEU A 84 13.08 -3.76 17.31
C LEU A 84 12.74 -2.35 16.82
N ASP A 85 12.22 -1.50 17.70
CA ASP A 85 11.97 -0.11 17.33
C ASP A 85 13.26 0.57 16.91
N SER A 86 14.33 0.40 17.70
CA SER A 86 15.59 1.07 17.38
C SER A 86 16.21 0.52 16.11
N VAL A 87 16.01 -0.77 15.82
CA VAL A 87 16.49 -1.31 14.54
C VAL A 87 15.68 -0.73 13.40
N ALA A 88 14.38 -0.56 13.59
CA ALA A 88 13.55 0.08 12.56
C ALA A 88 13.99 1.50 12.29
N GLU A 89 14.40 2.23 13.34
CA GLU A 89 14.97 3.56 13.16
C GLU A 89 16.34 3.48 12.49
N TYR A 90 17.08 2.41 12.74
CA TYR A 90 18.43 2.27 12.20
C TYR A 90 18.41 2.05 10.69
N GLU A 91 17.47 1.23 10.20
CA GLU A 91 17.47 0.87 8.79
C GLU A 91 17.18 2.06 7.88
N VAL A 92 16.51 3.09 8.38
CA VAL A 92 16.22 4.29 7.59
C VAL A 92 17.13 5.46 7.97
N THR A 93 18.14 5.21 8.81
CA THR A 93 19.07 6.26 9.19
C THR A 93 19.85 6.74 7.97
N PRO A 94 20.19 8.03 7.91
CA PRO A 94 21.03 8.52 6.81
C PRO A 94 22.34 7.75 6.74
N ASP A 95 22.83 7.56 5.52
CA ASP A 95 24.01 6.71 5.32
C ASP A 95 25.19 7.21 6.15
N GLU A 96 25.50 8.51 6.05
CA GLU A 96 26.66 9.03 6.75
C GLU A 96 26.48 9.06 8.26
N LYS A 97 25.28 8.74 8.76
CA LYS A 97 25.01 8.68 10.19
C LYS A 97 24.70 7.26 10.65
N LEU A 98 25.21 6.26 9.93
CA LEU A 98 24.92 4.87 10.26
C LEU A 98 25.73 4.40 11.46
N GLY A 99 27.05 4.46 11.37
CA GLY A 99 27.90 3.99 12.46
C GLY A 99 27.57 4.63 13.79
N GLU A 100 27.16 5.90 13.78
CA GLU A 100 26.76 6.56 15.01
C GLU A 100 25.54 5.88 15.63
N LYS A 101 24.55 5.55 14.80
CA LYS A 101 23.35 4.91 15.32
C LYS A 101 23.62 3.47 15.73
N GLY A 102 24.40 2.74 14.93
CA GLY A 102 24.67 1.34 15.25
C GLY A 102 25.33 1.17 16.60
N LYS A 103 26.40 1.93 16.85
CA LYS A 103 27.10 1.82 18.13
C LYS A 103 26.16 2.12 19.29
N GLU A 104 25.29 3.11 19.13
CA GLU A 104 24.31 3.42 20.17
C GLU A 104 23.49 2.19 20.54
N ILE A 105 22.88 1.55 19.55
CA ILE A 105 22.10 0.34 19.80
C ILE A 105 22.94 -0.69 20.54
N MET A 106 24.19 -0.87 20.12
CA MET A 106 25.05 -1.87 20.75
C MET A 106 25.23 -1.57 22.23
N THR A 107 25.56 -0.32 22.56
CA THR A 107 25.79 0.05 23.96
C THR A 107 24.51 -0.01 24.80
N LYS A 108 23.34 -0.07 24.16
CA LYS A 108 22.07 -0.05 24.87
C LYS A 108 21.43 -1.43 25.00
N TYR A 109 21.53 -2.27 23.97
CA TYR A 109 20.86 -3.56 23.97
C TYR A 109 21.82 -4.75 23.96
N LEU A 110 22.88 -4.70 23.16
CA LEU A 110 23.76 -5.84 23.00
C LEU A 110 24.90 -5.88 24.02
N THR A 111 24.95 -4.95 24.95
CA THR A 111 25.90 -5.04 26.05
C THR A 111 25.34 -5.95 27.14
N PRO A 112 26.08 -6.97 27.57
CA PRO A 112 25.50 -7.92 28.54
C PRO A 112 25.09 -7.29 29.85
N LYS A 113 25.78 -6.24 30.30
CA LYS A 113 25.47 -5.60 31.57
C LYS A 113 24.49 -4.43 31.44
N SER A 114 23.83 -4.30 30.29
CA SER A 114 22.87 -3.22 30.12
C SER A 114 21.61 -3.47 30.93
N PRO A 115 20.92 -2.42 31.38
CA PRO A 115 19.61 -2.62 32.02
C PRO A 115 18.54 -3.12 31.06
N VAL A 116 18.77 -2.98 29.75
CA VAL A 116 17.84 -3.41 28.72
C VAL A 116 18.60 -4.32 27.77
N PHE A 117 18.83 -5.56 28.18
CA PHE A 117 19.68 -6.49 27.44
C PHE A 117 18.85 -7.51 26.69
N ILE A 118 19.26 -7.78 25.44
CA ILE A 118 18.62 -8.79 24.60
C ILE A 118 19.31 -10.11 24.92
N ALA A 119 18.65 -10.95 25.72
CA ALA A 119 19.29 -12.17 26.20
C ALA A 119 19.20 -13.31 25.19
N GLN A 120 18.14 -13.37 24.39
CA GLN A 120 17.94 -14.49 23.49
C GLN A 120 18.83 -14.42 22.24
N VAL A 121 19.36 -13.24 21.92
CA VAL A 121 20.39 -13.14 20.89
C VAL A 121 21.72 -13.45 21.55
N GLY A 122 22.08 -14.73 21.60
CA GLY A 122 23.25 -15.19 22.32
C GLY A 122 24.53 -14.45 21.98
N GLN A 123 25.58 -14.68 22.76
CA GLN A 123 26.85 -14.00 22.52
C GLN A 123 27.43 -14.38 21.16
N ASP A 124 27.09 -15.56 20.64
CA ASP A 124 27.59 -15.98 19.34
C ASP A 124 27.06 -15.13 18.20
N LEU A 125 26.09 -14.25 18.46
CA LEU A 125 25.65 -13.27 17.48
C LEU A 125 25.90 -11.84 17.92
N VAL A 126 25.95 -11.57 19.23
CA VAL A 126 26.39 -10.26 19.70
C VAL A 126 27.80 -9.97 19.18
N SER A 127 28.67 -10.98 19.20
CA SER A 127 30.03 -10.78 18.72
C SER A 127 30.06 -10.48 17.22
N GLN A 128 29.26 -11.22 16.44
CA GLN A 128 29.20 -10.97 15.01
C GLN A 128 28.74 -9.54 14.73
N THR A 129 27.69 -9.09 15.42
CA THR A 129 27.22 -7.73 15.25
C THR A 129 28.32 -6.73 15.61
N GLU A 130 29.10 -7.03 16.64
CA GLU A 130 30.20 -6.14 17.01
C GLU A 130 31.32 -6.16 15.96
N GLU A 131 31.48 -7.27 15.25
CA GLU A 131 32.47 -7.30 14.17
C GLU A 131 32.06 -6.35 13.05
N LYS A 132 30.78 -6.35 12.67
CA LYS A 132 30.34 -5.44 11.62
C LYS A 132 30.53 -3.98 12.05
N LEU A 133 30.32 -3.68 13.33
CA LEU A 133 30.60 -2.33 13.81
C LEU A 133 32.09 -2.03 13.74
N LEU A 134 32.94 -3.03 14.00
CA LEU A 134 34.37 -2.88 13.77
C LEU A 134 34.71 -2.76 12.29
N GLN A 135 33.76 -3.05 11.40
CA GLN A 135 33.95 -2.95 9.96
C GLN A 135 33.01 -1.91 9.38
N LYS A 136 32.66 -2.04 8.10
CA LYS A 136 31.82 -1.04 7.45
C LYS A 136 30.43 -1.01 8.08
N PRO A 137 29.62 0.01 7.78
CA PRO A 137 28.22 -0.01 8.26
C PRO A 137 27.23 -0.37 7.16
N CYS A 138 26.31 -1.29 7.45
CA CYS A 138 25.25 -1.67 6.53
C CYS A 138 23.91 -1.45 7.22
N LYS A 139 22.90 -1.14 6.43
CA LYS A 139 21.57 -0.85 6.95
C LYS A 139 20.83 -2.10 7.38
N GLU A 140 21.42 -3.27 7.14
CA GLU A 140 20.88 -4.54 7.61
C GLU A 140 21.79 -5.17 8.67
N LEU A 141 22.58 -4.36 9.36
CA LEU A 141 23.48 -4.89 10.38
C LEU A 141 22.73 -5.70 11.42
N PHE A 142 21.60 -5.19 11.91
CA PHE A 142 20.84 -5.84 12.96
C PHE A 142 19.73 -6.74 12.42
N SER A 143 19.85 -7.19 11.17
CA SER A 143 18.84 -8.11 10.63
C SER A 143 18.90 -9.46 11.32
N ALA A 144 20.10 -9.98 11.57
CA ALA A 144 20.22 -11.27 12.24
C ALA A 144 19.66 -11.21 13.65
N CYS A 145 20.01 -10.16 14.40
CA CYS A 145 19.51 -10.04 15.76
C CYS A 145 18.00 -9.82 15.77
N ALA A 146 17.48 -9.02 14.84
CA ALA A 146 16.05 -8.75 14.80
C ALA A 146 15.26 -10.01 14.49
N GLN A 147 15.73 -10.83 13.55
CA GLN A 147 15.05 -12.08 13.25
C GLN A 147 15.15 -13.05 14.40
N SER A 148 16.29 -13.05 15.11
CA SER A 148 16.41 -13.88 16.30
C SER A 148 15.42 -13.44 17.38
N VAL A 149 15.26 -12.14 17.56
CA VAL A 149 14.27 -11.64 18.51
C VAL A 149 12.88 -12.09 18.11
N HIS A 150 12.55 -11.99 16.83
CA HIS A 150 11.25 -12.45 16.36
C HIS A 150 11.09 -13.95 16.57
N GLU A 151 12.13 -14.73 16.27
CA GLU A 151 12.06 -16.17 16.47
C GLU A 151 11.80 -16.51 17.94
N TYR A 152 12.19 -15.63 18.86
CA TYR A 152 11.91 -15.84 20.27
C TYR A 152 10.47 -15.44 20.61
N LEU A 153 9.97 -14.36 20.01
CA LEU A 153 8.65 -13.87 20.36
C LEU A 153 7.55 -14.78 19.85
N ARG A 154 7.77 -15.46 18.72
CA ARG A 154 6.78 -16.39 18.19
C ARG A 154 6.54 -17.58 19.11
N GLY A 155 7.41 -17.78 20.10
CA GLY A 155 7.27 -18.90 21.02
C GLY A 155 6.47 -18.56 22.25
N GLU A 156 7.13 -18.55 23.42
CA GLU A 156 6.41 -18.36 24.66
C GLU A 156 5.72 -17.00 24.74
N PRO A 157 6.37 -15.88 24.41
CA PRO A 157 5.67 -14.59 24.55
C PRO A 157 4.37 -14.53 23.75
N PHE A 158 4.37 -15.09 22.53
CA PHE A 158 3.16 -15.06 21.71
C PHE A 158 2.05 -15.90 22.33
N HIS A 159 2.38 -17.12 22.75
CA HIS A 159 1.35 -17.99 23.31
C HIS A 159 0.84 -17.48 24.66
N GLU A 160 1.67 -16.71 25.37
CA GLU A 160 1.16 -16.04 26.57
C GLU A 160 0.22 -14.91 26.21
N TYR A 161 0.55 -14.13 25.19
CA TYR A 161 -0.34 -13.08 24.72
C TYR A 161 -1.68 -13.65 24.27
N LEU A 162 -1.68 -14.86 23.71
CA LEU A 162 -2.94 -15.47 23.27
C LEU A 162 -3.86 -15.75 24.46
N ASP A 163 -3.29 -16.04 25.62
CA ASP A 163 -4.08 -16.28 26.83
C ASP A 163 -4.19 -15.04 27.70
N SER A 164 -3.79 -13.88 27.19
CA SER A 164 -3.84 -12.63 27.94
C SER A 164 -5.12 -11.87 27.61
N MET A 165 -5.40 -10.84 28.40
CA MET A 165 -6.57 -10.02 28.16
C MET A 165 -6.43 -9.16 26.91
N PHE A 166 -5.19 -8.91 26.46
CA PHE A 166 -5.00 -8.08 25.27
C PHE A 166 -5.45 -8.80 24.01
N PHE A 167 -5.30 -10.14 23.97
CA PHE A 167 -5.81 -10.89 22.84
C PHE A 167 -7.34 -10.96 22.89
N ASP A 168 -7.91 -11.02 24.09
CA ASP A 168 -9.37 -10.91 24.20
C ASP A 168 -9.84 -9.55 23.71
N ARG A 169 -9.06 -8.50 23.98
CA ARG A 169 -9.38 -7.17 23.44
C ARG A 169 -9.25 -7.18 21.91
N PHE A 170 -8.24 -7.86 21.38
CA PHE A 170 -8.12 -7.99 19.93
C PHE A 170 -9.36 -8.65 19.34
N LEU A 171 -9.84 -9.72 20.00
CA LEU A 171 -11.07 -10.36 19.54
C LEU A 171 -12.24 -9.39 19.54
N GLN A 172 -12.31 -8.51 20.55
CA GLN A 172 -13.35 -7.49 20.55
C GLN A 172 -13.22 -6.57 19.34
N TRP A 173 -12.00 -6.15 19.02
CA TRP A 173 -11.80 -5.30 17.87
C TRP A 173 -12.16 -6.02 16.57
N LYS A 174 -11.84 -7.31 16.48
CA LYS A 174 -12.23 -8.07 15.29
C LYS A 174 -13.74 -8.17 15.18
N TRP A 175 -14.43 -8.39 16.32
CA TRP A 175 -15.89 -8.43 16.30
C TRP A 175 -16.46 -7.16 15.71
N LEU A 176 -15.93 -6.00 16.11
CA LEU A 176 -16.36 -4.74 15.50
C LEU A 176 -16.00 -4.71 14.02
N GLU A 177 -14.82 -5.22 13.65
CA GLU A 177 -14.40 -5.21 12.26
C GLU A 177 -15.37 -6.00 11.39
N ARG A 178 -15.81 -7.17 11.86
CA ARG A 178 -16.69 -8.01 11.05
C ARG A 178 -18.11 -7.49 10.95
N GLN A 179 -18.47 -6.45 11.71
CA GLN A 179 -19.83 -5.94 11.68
C GLN A 179 -20.23 -5.58 10.26
N PRO A 180 -21.54 -5.54 9.98
CA PRO A 180 -21.99 -5.30 8.61
C PRO A 180 -21.92 -3.84 8.23
N VAL A 181 -21.46 -3.59 7.01
CA VAL A 181 -21.33 -2.25 6.46
C VAL A 181 -22.53 -1.97 5.56
N THR A 182 -23.22 -0.88 5.83
CA THR A 182 -24.41 -0.49 5.08
C THR A 182 -24.21 0.92 4.52
N LYS A 183 -25.21 1.39 3.77
CA LYS A 183 -25.19 2.77 3.30
C LYS A 183 -25.17 3.76 4.46
N ASN A 184 -25.82 3.40 5.56
CA ASN A 184 -25.88 4.26 6.74
C ASN A 184 -24.57 4.25 7.54
N THR A 185 -23.60 3.43 7.14
CA THR A 185 -22.28 3.51 7.75
C THR A 185 -21.52 4.74 7.27
N PHE A 186 -21.86 5.25 6.09
CA PHE A 186 -21.17 6.39 5.49
C PHE A 186 -22.16 7.52 5.22
N ARG A 187 -21.61 8.70 4.91
CA ARG A 187 -22.37 9.84 4.43
C ARG A 187 -21.63 10.40 3.22
N GLN A 188 -22.33 10.53 2.10
CA GLN A 188 -21.73 11.03 0.87
C GLN A 188 -21.82 12.55 0.83
N TYR A 189 -20.76 13.17 0.28
CA TYR A 189 -20.68 14.62 0.24
C TYR A 189 -20.94 15.15 -1.16
N ARG A 190 -19.95 15.03 -2.05
CA ARG A 190 -20.07 15.53 -3.41
C ARG A 190 -19.52 14.53 -4.41
N VAL A 191 -19.97 14.65 -5.64
CA VAL A 191 -19.54 13.77 -6.73
C VAL A 191 -18.23 14.32 -7.29
N LEU A 192 -17.15 13.53 -7.14
CA LEU A 192 -15.83 13.98 -7.57
C LEU A 192 -15.30 13.12 -8.72
N GLY A 193 -15.99 13.15 -9.85
CA GLY A 193 -15.51 12.44 -11.03
C GLY A 193 -16.50 11.46 -11.61
N LYS A 194 -16.39 11.19 -12.90
CA LYS A 194 -17.22 10.24 -13.61
C LYS A 194 -16.34 9.18 -14.27
N GLY A 195 -16.96 8.10 -14.70
CA GLY A 195 -16.22 7.00 -15.30
C GLY A 195 -16.99 6.22 -16.34
N GLY A 196 -16.60 4.97 -16.55
CA GLY A 196 -17.22 4.14 -17.56
C GLY A 196 -18.43 3.37 -17.06
N PHE A 197 -18.29 2.74 -15.89
CA PHE A 197 -19.38 1.97 -15.31
C PHE A 197 -20.15 2.73 -14.24
N GLY A 198 -19.64 3.87 -13.79
CA GLY A 198 -20.32 4.63 -12.76
C GLY A 198 -19.70 5.99 -12.49
N GLU A 199 -19.51 6.32 -11.21
CA GLU A 199 -18.99 7.61 -10.81
C GLU A 199 -18.17 7.46 -9.54
N VAL A 200 -17.62 8.58 -9.07
CA VAL A 200 -16.80 8.60 -7.86
C VAL A 200 -17.25 9.77 -6.98
N CYS A 201 -17.67 9.46 -5.76
CA CYS A 201 -18.06 10.44 -4.77
C CYS A 201 -17.01 10.51 -3.67
N ALA A 202 -17.23 11.41 -2.72
CA ALA A 202 -16.37 11.56 -1.54
C ALA A 202 -17.23 11.29 -0.31
N CYS A 203 -17.07 10.12 0.29
CA CYS A 203 -17.84 9.71 1.45
C CYS A 203 -17.02 9.83 2.71
N GLN A 204 -17.71 9.74 3.85
CA GLN A 204 -17.07 9.80 5.16
C GLN A 204 -17.72 8.78 6.08
N VAL A 205 -16.91 8.13 6.92
CA VAL A 205 -17.42 7.21 7.92
C VAL A 205 -17.98 8.02 9.07
N ARG A 206 -19.27 7.86 9.35
CA ARG A 206 -19.92 8.67 10.37
C ARG A 206 -19.30 8.45 11.75
N ALA A 207 -18.96 7.19 12.06
CA ALA A 207 -18.52 6.87 13.41
C ALA A 207 -17.09 7.34 13.69
N THR A 208 -16.25 7.43 12.66
CA THR A 208 -14.87 7.86 12.83
C THR A 208 -14.54 9.19 12.16
N GLY A 209 -15.37 9.65 11.22
CA GLY A 209 -15.09 10.91 10.56
C GLY A 209 -13.93 10.86 9.59
N LYS A 210 -13.64 9.70 9.03
CA LYS A 210 -12.55 9.56 8.07
C LYS A 210 -13.08 9.69 6.66
N MET A 211 -12.41 10.51 5.84
CA MET A 211 -12.81 10.70 4.46
C MET A 211 -12.32 9.54 3.59
N TYR A 212 -13.08 9.27 2.53
CA TYR A 212 -12.74 8.23 1.58
C TYR A 212 -13.18 8.68 0.20
N ALA A 213 -12.98 7.80 -0.79
CA ALA A 213 -13.43 8.03 -2.16
C ALA A 213 -14.38 6.89 -2.52
N CYS A 214 -15.67 7.18 -2.60
CA CYS A 214 -16.66 6.18 -2.98
C CYS A 214 -16.67 6.02 -4.49
N LYS A 215 -16.70 4.77 -4.94
CA LYS A 215 -16.77 4.44 -6.36
C LYS A 215 -18.08 3.69 -6.58
N ARG A 216 -19.10 4.39 -7.05
CA ARG A 216 -20.39 3.79 -7.34
C ARG A 216 -20.31 3.07 -8.69
N LEU A 217 -20.54 1.77 -8.68
CA LEU A 217 -20.76 1.00 -9.91
C LEU A 217 -22.24 0.66 -9.96
N GLU A 218 -22.97 1.32 -10.87
CA GLU A 218 -24.42 1.20 -10.91
C GLU A 218 -24.82 -0.16 -11.52
N LYS A 219 -25.71 -0.86 -10.81
CA LYS A 219 -25.95 -2.26 -11.11
C LYS A 219 -26.51 -2.44 -12.51
N LYS A 220 -27.59 -1.72 -12.85
CA LYS A 220 -28.27 -1.98 -14.10
C LYS A 220 -27.30 -2.04 -15.28
N ARG A 221 -26.28 -1.18 -15.26
CA ARG A 221 -25.36 -1.09 -16.39
C ARG A 221 -24.30 -2.19 -16.36
N ILE A 222 -23.97 -2.70 -15.17
CA ILE A 222 -23.04 -3.82 -15.09
C ILE A 222 -23.68 -5.07 -15.70
N LYS A 223 -24.94 -5.34 -15.34
CA LYS A 223 -25.61 -6.53 -15.86
C LYS A 223 -25.92 -6.38 -17.35
N LYS A 224 -26.30 -5.18 -17.78
CA LYS A 224 -26.50 -4.95 -19.20
C LYS A 224 -25.21 -5.14 -19.98
N ARG A 225 -24.11 -4.60 -19.48
CA ARG A 225 -22.82 -4.72 -20.16
C ARG A 225 -22.16 -6.07 -19.92
N LYS A 226 -22.77 -6.94 -19.11
CA LYS A 226 -22.22 -8.26 -18.82
C LYS A 226 -20.76 -8.15 -18.40
N GLY A 227 -20.47 -7.17 -17.55
CA GLY A 227 -19.13 -6.94 -17.05
C GLY A 227 -19.02 -7.23 -15.57
N GLU A 228 -19.83 -8.17 -15.10
CA GLU A 228 -19.82 -8.53 -13.69
C GLU A 228 -18.43 -9.00 -13.26
N SER A 229 -17.81 -9.87 -14.05
CA SER A 229 -16.51 -10.42 -13.66
C SER A 229 -15.47 -9.33 -13.49
N MET A 230 -15.54 -8.26 -14.29
CA MET A 230 -14.55 -7.20 -14.19
C MET A 230 -14.68 -6.44 -12.87
N ALA A 231 -15.92 -6.26 -12.39
CA ALA A 231 -16.11 -5.58 -11.12
C ALA A 231 -15.51 -6.38 -9.96
N LEU A 232 -15.74 -7.69 -9.96
CA LEU A 232 -15.16 -8.53 -8.91
C LEU A 232 -13.65 -8.61 -9.03
N ASN A 233 -13.13 -8.65 -10.26
CA ASN A 233 -11.69 -8.70 -10.44
C ASN A 233 -11.02 -7.44 -9.88
N GLU A 234 -11.62 -6.27 -10.13
CA GLU A 234 -11.08 -5.03 -9.61
C GLU A 234 -11.24 -4.95 -8.10
N LYS A 235 -12.40 -5.37 -7.58
CA LYS A 235 -12.63 -5.32 -6.14
C LYS A 235 -11.67 -6.25 -5.41
N GLN A 236 -11.46 -7.47 -5.93
CA GLN A 236 -10.57 -8.41 -5.27
C GLN A 236 -9.12 -7.94 -5.35
N ILE A 237 -8.71 -7.40 -6.50
CA ILE A 237 -7.35 -6.90 -6.64
C ILE A 237 -7.12 -5.72 -5.69
N LEU A 238 -8.12 -4.85 -5.54
CA LEU A 238 -7.98 -3.69 -4.68
C LEU A 238 -7.91 -4.10 -3.22
N GLU A 239 -8.75 -5.06 -2.80
CA GLU A 239 -8.73 -5.48 -1.40
C GLU A 239 -7.49 -6.29 -1.06
N LYS A 240 -6.85 -6.89 -2.05
CA LYS A 240 -5.65 -7.67 -1.79
C LYS A 240 -4.47 -6.76 -1.50
N VAL A 241 -4.07 -5.93 -2.47
CA VAL A 241 -2.87 -5.13 -2.30
C VAL A 241 -3.04 -4.19 -1.13
N ASN A 242 -1.97 -4.02 -0.35
CA ASN A 242 -1.95 -3.07 0.77
C ASN A 242 -0.70 -2.21 0.65
N SER A 243 -0.62 -1.47 -0.46
CA SER A 243 0.55 -0.67 -0.78
C SER A 243 0.35 0.79 -0.34
N GLN A 244 1.47 1.42 0.02
CA GLN A 244 1.46 2.85 0.30
C GLN A 244 1.28 3.66 -0.97
N PHE A 245 1.46 3.05 -2.14
CA PHE A 245 1.50 3.76 -3.42
C PHE A 245 0.47 3.24 -4.41
N VAL A 246 -0.56 2.56 -3.93
CA VAL A 246 -1.71 2.16 -4.73
C VAL A 246 -2.96 2.40 -3.89
N VAL A 247 -4.03 2.88 -4.53
CA VAL A 247 -5.27 3.11 -3.81
C VAL A 247 -5.71 1.83 -3.13
N ASN A 248 -6.05 1.93 -1.85
CA ASN A 248 -6.43 0.78 -1.04
C ASN A 248 -7.93 0.72 -0.85
N LEU A 249 -8.46 -0.50 -0.81
CA LEU A 249 -9.88 -0.73 -0.59
C LEU A 249 -10.15 -0.89 0.91
N ALA A 250 -11.06 -0.08 1.43
CA ALA A 250 -11.45 -0.13 2.82
C ALA A 250 -12.81 -0.78 3.05
N TYR A 251 -13.75 -0.56 2.14
CA TYR A 251 -15.08 -1.17 2.25
C TYR A 251 -15.60 -1.49 0.87
N ALA A 252 -16.35 -2.60 0.78
CA ALA A 252 -17.04 -2.99 -0.45
C ALA A 252 -18.44 -3.43 -0.02
N TYR A 253 -19.44 -2.58 -0.25
CA TYR A 253 -20.80 -2.85 0.18
C TYR A 253 -21.76 -2.60 -0.98
N GLU A 254 -23.03 -2.92 -0.74
CA GLU A 254 -24.07 -2.88 -1.75
C GLU A 254 -25.23 -2.02 -1.27
N THR A 255 -25.85 -1.31 -2.20
CA THR A 255 -27.05 -0.54 -1.93
C THR A 255 -28.12 -0.94 -2.94
N LYS A 256 -29.31 -0.39 -2.77
CA LYS A 256 -30.46 -0.78 -3.58
C LYS A 256 -30.31 -0.39 -5.05
N ASP A 257 -29.20 0.28 -5.40
CA ASP A 257 -29.05 0.74 -6.77
C ASP A 257 -27.61 0.77 -7.26
N ALA A 258 -26.65 0.25 -6.51
CA ALA A 258 -25.25 0.32 -6.93
C ALA A 258 -24.41 -0.57 -6.02
N LEU A 259 -23.19 -0.81 -6.48
CA LEU A 259 -22.14 -1.46 -5.69
C LEU A 259 -21.05 -0.43 -5.42
N CYS A 260 -20.71 -0.24 -4.15
CA CYS A 260 -19.82 0.83 -3.74
C CYS A 260 -18.46 0.27 -3.34
N LEU A 261 -17.40 0.91 -3.83
CA LEU A 261 -16.02 0.62 -3.44
C LEU A 261 -15.47 1.85 -2.73
N VAL A 262 -15.18 1.70 -1.43
CA VAL A 262 -14.64 2.79 -0.62
C VAL A 262 -13.11 2.70 -0.69
N LEU A 263 -12.49 3.70 -1.30
CA LEU A 263 -11.07 3.67 -1.59
C LEU A 263 -10.36 4.85 -0.93
N THR A 264 -9.03 4.82 -1.00
CA THR A 264 -8.22 5.93 -0.49
C THR A 264 -8.62 7.22 -1.18
N ILE A 265 -8.67 8.31 -0.41
CA ILE A 265 -9.02 9.61 -0.94
C ILE A 265 -7.75 10.32 -1.38
N MET A 266 -7.79 10.92 -2.57
CA MET A 266 -6.63 11.59 -3.16
C MET A 266 -7.07 12.98 -3.63
N ASN A 267 -6.84 13.98 -2.79
CA ASN A 267 -7.28 15.35 -3.06
C ASN A 267 -6.20 16.22 -3.69
N GLY A 268 -5.03 15.66 -3.99
CA GLY A 268 -3.91 16.45 -4.46
C GLY A 268 -3.82 16.64 -5.96
N GLY A 269 -4.73 16.07 -6.73
CA GLY A 269 -4.68 16.15 -8.17
C GLY A 269 -4.07 14.91 -8.80
N ASP A 270 -3.89 14.99 -10.11
CA ASP A 270 -3.31 13.89 -10.88
C ASP A 270 -2.05 14.36 -11.57
N LEU A 271 -1.19 13.40 -11.93
CA LEU A 271 0.14 13.73 -12.43
C LEU A 271 0.08 14.39 -13.80
N LYS A 272 -0.93 14.08 -14.61
CA LYS A 272 -1.07 14.75 -15.90
C LYS A 272 -1.26 16.25 -15.70
N PHE A 273 -2.12 16.64 -14.77
CA PHE A 273 -2.35 18.05 -14.49
C PHE A 273 -1.06 18.75 -14.08
N HIS A 274 -0.27 18.12 -13.20
CA HIS A 274 0.96 18.75 -12.73
C HIS A 274 2.05 18.75 -13.80
N ILE A 275 2.00 17.83 -14.76
CA ILE A 275 3.01 17.83 -15.82
C ILE A 275 2.74 18.97 -16.81
N TYR A 276 1.46 19.21 -17.15
CA TYR A 276 1.12 20.12 -18.24
C TYR A 276 0.56 21.45 -17.78
N ASN A 277 -0.23 21.49 -16.71
CA ASN A 277 -0.73 22.78 -16.23
C ASN A 277 0.20 23.43 -15.23
N MET A 278 0.84 22.63 -14.38
CA MET A 278 1.79 23.12 -13.39
C MET A 278 3.23 23.06 -13.88
N GLY A 279 3.51 22.25 -14.89
CA GLY A 279 4.86 21.98 -15.33
C GLY A 279 5.36 22.98 -16.35
N ASN A 280 6.42 22.58 -17.06
CA ASN A 280 7.14 23.50 -17.93
C ASN A 280 6.62 23.56 -19.37
N PRO A 281 5.91 22.55 -19.90
CA PRO A 281 5.50 21.26 -19.32
C PRO A 281 6.68 20.36 -18.94
N GLY A 282 6.50 19.51 -17.94
CA GLY A 282 7.54 18.64 -17.46
C GLY A 282 8.07 19.08 -16.10
N PHE A 283 8.84 18.17 -15.50
CA PHE A 283 9.44 18.39 -14.20
C PHE A 283 10.96 18.40 -14.30
N GLU A 284 11.60 18.91 -13.25
CA GLU A 284 13.03 18.65 -13.08
C GLU A 284 13.26 17.15 -12.91
N GLU A 285 14.43 16.69 -13.33
CA GLU A 285 14.74 15.27 -13.24
C GLU A 285 14.57 14.76 -11.82
N GLU A 286 15.01 15.53 -10.83
CA GLU A 286 14.89 15.09 -9.44
C GLU A 286 13.44 14.92 -9.03
N ARG A 287 12.58 15.87 -9.41
CA ARG A 287 11.16 15.74 -9.10
C ARG A 287 10.58 14.49 -9.75
N ALA A 288 10.87 14.27 -11.04
CA ALA A 288 10.40 13.06 -11.71
C ALA A 288 10.97 11.81 -11.05
N LEU A 289 12.23 11.88 -10.60
CA LEU A 289 12.83 10.75 -9.88
C LEU A 289 11.96 10.34 -8.70
N PHE A 290 11.54 11.31 -7.88
CA PHE A 290 10.75 11.00 -6.71
C PHE A 290 9.45 10.29 -7.09
N TYR A 291 8.71 10.88 -8.04
CA TYR A 291 7.45 10.28 -8.47
C TYR A 291 7.68 8.91 -9.09
N ALA A 292 8.75 8.76 -9.88
CA ALA A 292 9.04 7.47 -10.48
C ALA A 292 9.37 6.42 -9.42
N ALA A 293 10.14 6.81 -8.40
CA ALA A 293 10.48 5.89 -7.33
C ALA A 293 9.22 5.38 -6.62
N GLU A 294 8.24 6.28 -6.41
CA GLU A 294 7.02 5.85 -5.74
C GLU A 294 6.16 4.99 -6.64
N ILE A 295 6.11 5.32 -7.94
CA ILE A 295 5.36 4.48 -8.88
C ILE A 295 5.98 3.10 -8.97
N LEU A 296 7.32 3.03 -8.97
CA LEU A 296 7.99 1.74 -9.01
C LEU A 296 7.65 0.89 -7.79
N CYS A 297 7.63 1.51 -6.61
CA CYS A 297 7.25 0.77 -5.41
C CYS A 297 5.80 0.31 -5.48
N GLY A 298 4.93 1.11 -6.11
CA GLY A 298 3.56 0.68 -6.30
C GLY A 298 3.46 -0.52 -7.23
N LEU A 299 4.17 -0.47 -8.35
CA LEU A 299 4.16 -1.60 -9.27
C LEU A 299 4.78 -2.83 -8.62
N GLU A 300 5.81 -2.63 -7.78
CA GLU A 300 6.42 -3.76 -7.09
C GLU A 300 5.44 -4.45 -6.16
N ASP A 301 4.67 -3.65 -5.41
CA ASP A 301 3.67 -4.23 -4.52
C ASP A 301 2.60 -4.97 -5.30
N LEU A 302 2.21 -4.45 -6.46
CA LEU A 302 1.25 -5.14 -7.31
C LEU A 302 1.82 -6.45 -7.82
N HIS A 303 3.06 -6.42 -8.31
CA HIS A 303 3.69 -7.62 -8.87
C HIS A 303 3.99 -8.66 -7.81
N ARG A 304 4.09 -8.27 -6.54
CA ARG A 304 4.17 -9.26 -5.47
C ARG A 304 2.97 -10.20 -5.49
N GLU A 305 1.90 -9.81 -6.17
CA GLU A 305 0.68 -10.60 -6.34
C GLU A 305 0.52 -11.10 -7.76
N ASN A 306 1.58 -11.05 -8.55
CA ASN A 306 1.52 -11.43 -9.95
C ASN A 306 0.33 -10.76 -10.63
N THR A 307 0.10 -9.50 -10.27
CA THR A 307 -0.97 -8.69 -10.85
C THR A 307 -0.34 -7.60 -11.70
N VAL A 308 -0.76 -7.53 -12.96
CA VAL A 308 -0.23 -6.55 -13.90
C VAL A 308 -1.23 -5.41 -14.03
N TYR A 309 -0.72 -4.17 -14.09
CA TYR A 309 -1.59 -3.00 -14.04
C TYR A 309 -2.15 -2.65 -15.41
N ARG A 310 -1.27 -2.43 -16.38
CA ARG A 310 -1.59 -2.24 -17.80
C ARG A 310 -2.25 -0.91 -18.11
N ASN A 311 -2.41 -0.01 -17.13
CA ASN A 311 -3.12 1.24 -17.35
C ASN A 311 -2.29 2.43 -16.90
N LEU A 312 -0.96 2.33 -17.00
CA LEU A 312 -0.07 3.38 -16.52
C LEU A 312 -0.11 4.55 -17.49
N LYS A 313 -0.73 5.65 -17.08
CA LYS A 313 -0.67 6.92 -17.79
C LYS A 313 -0.72 8.03 -16.76
N PRO A 314 -0.22 9.22 -17.09
CA PRO A 314 -0.05 10.25 -16.05
C PRO A 314 -1.34 10.59 -15.31
N GLU A 315 -2.50 10.51 -15.97
CA GLU A 315 -3.73 10.87 -15.31
C GLU A 315 -4.19 9.84 -14.28
N ASN A 316 -3.62 8.63 -14.30
CA ASN A 316 -3.97 7.61 -13.31
C ASN A 316 -3.11 7.68 -12.06
N ILE A 317 -2.04 8.46 -12.07
CA ILE A 317 -1.21 8.67 -10.88
C ILE A 317 -1.77 9.88 -10.14
N LEU A 318 -2.29 9.65 -8.94
CA LEU A 318 -2.94 10.70 -8.16
C LEU A 318 -2.05 11.11 -6.99
N LEU A 319 -2.15 12.38 -6.61
CA LEU A 319 -1.46 12.91 -5.45
C LEU A 319 -2.41 13.02 -4.27
N ASP A 320 -1.85 12.91 -3.07
CA ASP A 320 -2.63 13.04 -1.84
C ASP A 320 -2.38 14.41 -1.22
N ASP A 321 -2.91 14.63 -0.01
CA ASP A 321 -2.77 15.91 0.66
C ASP A 321 -1.31 16.24 0.99
N TYR A 322 -0.46 15.23 1.12
CA TYR A 322 0.93 15.45 1.50
C TYR A 322 1.88 15.60 0.33
N GLY A 323 1.45 15.18 -0.87
CA GLY A 323 2.28 15.25 -2.06
C GLY A 323 2.73 13.90 -2.58
N HIS A 324 2.50 12.82 -1.84
CA HIS A 324 2.84 11.49 -2.32
C HIS A 324 1.80 11.02 -3.32
N ILE A 325 2.18 10.02 -4.11
CA ILE A 325 1.34 9.53 -5.20
C ILE A 325 0.87 8.11 -4.90
N ARG A 326 -0.21 7.73 -5.57
CA ARG A 326 -0.67 6.35 -5.62
C ARG A 326 -1.20 6.04 -7.01
N ILE A 327 -1.10 4.78 -7.41
CA ILE A 327 -1.73 4.30 -8.64
C ILE A 327 -3.21 4.07 -8.36
N SER A 328 -4.07 4.52 -9.28
CA SER A 328 -5.49 4.66 -8.97
C SER A 328 -6.38 3.74 -9.80
N ASP A 329 -6.35 3.81 -11.12
CA ASP A 329 -7.37 3.13 -11.94
C ASP A 329 -6.97 1.69 -12.16
N LEU A 330 -7.48 0.81 -11.29
CA LEU A 330 -7.20 -0.62 -11.38
C LEU A 330 -8.24 -1.38 -12.19
N GLY A 331 -9.11 -0.68 -12.92
CA GLY A 331 -10.12 -1.35 -13.71
C GLY A 331 -9.57 -2.30 -14.76
N LEU A 332 -8.34 -2.09 -15.19
CA LEU A 332 -7.72 -2.93 -16.20
C LEU A 332 -6.71 -3.91 -15.62
N ALA A 333 -6.57 -3.98 -14.30
CA ALA A 333 -5.63 -4.90 -13.69
C ALA A 333 -6.22 -6.31 -13.65
N VAL A 334 -5.35 -7.30 -13.80
CA VAL A 334 -5.74 -8.70 -13.71
C VAL A 334 -4.62 -9.46 -13.00
N LYS A 335 -5.01 -10.54 -12.32
CA LYS A 335 -4.06 -11.37 -11.58
C LYS A 335 -3.58 -12.49 -12.48
N ILE A 336 -2.29 -12.47 -12.82
CA ILE A 336 -1.68 -13.52 -13.65
C ILE A 336 -1.41 -14.73 -12.77
N PRO A 337 -1.99 -15.90 -13.08
CA PRO A 337 -1.58 -17.12 -12.36
C PRO A 337 -0.08 -17.33 -12.50
N GLU A 338 0.55 -17.83 -11.44
CA GLU A 338 1.99 -18.03 -11.46
C GLU A 338 2.38 -19.01 -12.56
N GLY A 339 3.35 -18.61 -13.38
CA GLY A 339 3.76 -19.40 -14.53
C GLY A 339 2.92 -19.19 -15.77
N ASP A 340 1.84 -18.43 -15.68
CA ASP A 340 0.95 -18.21 -16.80
C ASP A 340 1.31 -16.93 -17.55
N LEU A 341 0.76 -16.81 -18.75
CA LEU A 341 0.73 -15.57 -19.51
C LEU A 341 -0.70 -15.31 -19.93
N ILE A 342 -0.99 -14.06 -20.28
CA ILE A 342 -2.33 -13.65 -20.65
C ILE A 342 -2.29 -12.94 -21.99
N ARG A 343 -3.47 -12.73 -22.57
CA ARG A 343 -3.65 -11.89 -23.74
C ARG A 343 -4.67 -10.81 -23.42
N GLY A 344 -4.52 -9.66 -24.07
CA GLY A 344 -5.41 -8.54 -23.79
C GLY A 344 -5.60 -7.57 -24.93
N ARG A 345 -4.53 -6.83 -25.26
CA ARG A 345 -4.63 -5.67 -26.13
C ARG A 345 -5.66 -4.68 -25.57
N VAL A 346 -5.36 -4.18 -24.37
CA VAL A 346 -6.21 -3.23 -23.68
C VAL A 346 -5.33 -2.10 -23.19
N GLY A 347 -5.97 -0.96 -22.90
CA GLY A 347 -5.26 0.19 -22.38
C GLY A 347 -5.63 1.49 -23.07
N THR A 348 -4.69 2.42 -23.12
CA THR A 348 -4.90 3.70 -23.77
C THR A 348 -3.89 3.87 -24.91
N VAL A 349 -4.38 4.38 -26.04
CA VAL A 349 -3.50 4.63 -27.17
C VAL A 349 -2.33 5.49 -26.72
N GLY A 350 -1.12 5.06 -27.05
CA GLY A 350 0.09 5.76 -26.69
C GLY A 350 0.78 5.21 -25.46
N TYR A 351 0.07 4.46 -24.63
CA TYR A 351 0.62 3.85 -23.42
C TYR A 351 0.42 2.33 -23.44
N MET A 352 0.55 1.73 -24.62
CA MET A 352 0.45 0.29 -24.80
C MET A 352 1.79 -0.25 -25.25
N ALA A 353 2.33 -1.21 -24.50
CA ALA A 353 3.60 -1.81 -24.87
C ALA A 353 3.46 -2.58 -26.19
N PRO A 354 4.56 -2.72 -26.93
CA PRO A 354 4.47 -3.43 -28.22
C PRO A 354 3.87 -4.83 -28.12
N GLU A 355 4.18 -5.57 -27.05
CA GLU A 355 3.61 -6.90 -26.91
C GLU A 355 2.10 -6.84 -26.72
N VAL A 356 1.59 -5.74 -26.18
CA VAL A 356 0.15 -5.57 -26.03
C VAL A 356 -0.49 -5.16 -27.35
N LEU A 357 0.14 -4.24 -28.08
CA LEU A 357 -0.37 -3.85 -29.38
C LEU A 357 -0.43 -5.04 -30.33
N ASN A 358 0.59 -5.89 -30.30
CA ASN A 358 0.61 -7.10 -31.11
C ASN A 358 -0.31 -8.19 -30.56
N ASN A 359 -0.97 -7.95 -29.44
CA ASN A 359 -1.93 -8.90 -28.87
C ASN A 359 -1.27 -10.27 -28.66
N GLN A 360 -0.13 -10.25 -27.97
CA GLN A 360 0.63 -11.45 -27.69
C GLN A 360 0.40 -11.89 -26.25
N ARG A 361 1.02 -13.01 -25.87
CA ARG A 361 1.00 -13.47 -24.49
C ARG A 361 2.11 -12.78 -23.73
N TYR A 362 1.75 -12.02 -22.71
CA TYR A 362 2.70 -11.23 -21.92
C TYR A 362 2.47 -11.47 -20.44
N GLY A 363 3.41 -10.98 -19.64
CA GLY A 363 3.32 -11.08 -18.20
C GLY A 363 3.19 -9.72 -17.54
N LEU A 364 4.20 -9.33 -16.77
CA LEU A 364 4.20 -8.06 -16.08
C LEU A 364 4.88 -6.96 -16.88
N SER A 365 5.42 -7.27 -18.05
CA SER A 365 6.25 -6.31 -18.77
C SER A 365 5.52 -5.04 -19.18
N PRO A 366 4.22 -5.05 -19.49
CA PRO A 366 3.56 -3.77 -19.85
C PRO A 366 3.72 -2.69 -18.80
N ASP A 367 3.86 -3.06 -17.53
CA ASP A 367 3.96 -2.03 -16.48
C ASP A 367 5.33 -1.36 -16.48
N TYR A 368 6.40 -2.11 -16.75
CA TYR A 368 7.70 -1.47 -16.85
C TYR A 368 7.81 -0.62 -18.11
N TRP A 369 7.16 -1.05 -19.20
CA TRP A 369 7.04 -0.16 -20.36
C TRP A 369 6.32 1.12 -19.99
N GLY A 370 5.25 1.00 -19.21
CA GLY A 370 4.53 2.19 -18.79
C GLY A 370 5.36 3.09 -17.90
N LEU A 371 6.14 2.49 -17.00
CA LEU A 371 7.03 3.27 -16.16
C LEU A 371 8.01 4.06 -17.02
N GLY A 372 8.54 3.44 -18.08
CA GLY A 372 9.38 4.18 -19.01
C GLY A 372 8.65 5.35 -19.63
N CYS A 373 7.45 5.08 -20.16
CA CYS A 373 6.62 6.15 -20.70
C CYS A 373 6.43 7.28 -19.69
N LEU A 374 6.17 6.92 -18.43
CA LEU A 374 5.92 7.94 -17.41
C LEU A 374 7.18 8.77 -17.14
N ILE A 375 8.31 8.11 -16.93
CA ILE A 375 9.54 8.85 -16.63
C ILE A 375 9.88 9.79 -17.78
N TYR A 376 9.83 9.28 -19.01
CA TYR A 376 10.08 10.12 -20.18
C TYR A 376 9.13 11.31 -20.20
N GLU A 377 7.84 11.06 -20.02
CA GLU A 377 6.85 12.14 -20.12
C GLU A 377 7.03 13.17 -19.01
N MET A 378 7.45 12.73 -17.82
CA MET A 378 7.68 13.67 -16.74
C MET A 378 8.85 14.58 -17.05
N ILE A 379 9.94 14.02 -17.57
CA ILE A 379 11.16 14.80 -17.81
C ILE A 379 10.98 15.71 -19.01
N GLU A 380 10.47 15.16 -20.12
CA GLU A 380 10.44 15.88 -21.39
C GLU A 380 9.21 16.73 -21.58
N GLY A 381 8.12 16.44 -20.87
CA GLY A 381 6.90 17.20 -21.05
C GLY A 381 6.06 16.76 -22.23
N GLN A 382 6.28 15.56 -22.75
CA GLN A 382 5.46 15.02 -23.82
C GLN A 382 5.73 13.53 -23.92
N SER A 383 4.81 12.81 -24.57
CA SER A 383 4.97 11.38 -24.75
C SER A 383 6.17 11.08 -25.66
N PRO A 384 6.84 9.95 -25.43
CA PRO A 384 8.02 9.64 -26.25
C PRO A 384 7.71 9.36 -27.71
N PHE A 385 6.45 9.10 -28.08
CA PHE A 385 6.11 8.71 -29.44
C PHE A 385 5.07 9.62 -30.10
N ARG A 386 4.68 10.70 -29.45
CA ARG A 386 3.83 11.71 -30.08
C ARG A 386 4.15 13.04 -29.43
N GLY A 387 4.29 14.08 -30.25
CA GLY A 387 4.62 15.38 -29.73
C GLY A 387 3.43 16.08 -29.09
N ARG A 388 3.71 16.86 -28.04
CA ARG A 388 2.67 17.67 -27.43
C ARG A 388 1.98 18.54 -28.48
N LYS A 389 2.74 19.04 -29.44
CA LYS A 389 2.25 19.90 -30.51
C LYS A 389 2.16 19.15 -31.84
N GLU A 390 1.66 17.91 -31.80
CA GLU A 390 1.62 17.06 -32.98
C GLU A 390 0.23 16.51 -33.18
N LYS A 391 -0.24 16.52 -34.43
CA LYS A 391 -1.54 15.97 -34.81
C LYS A 391 -1.26 14.70 -35.61
N VAL A 392 -1.35 13.55 -34.93
CA VAL A 392 -1.04 12.26 -35.51
C VAL A 392 -2.20 11.31 -35.27
N LYS A 393 -2.28 10.30 -36.13
CA LYS A 393 -3.34 9.30 -36.07
C LYS A 393 -2.90 8.10 -35.25
N ARG A 394 -3.87 7.46 -34.58
CA ARG A 394 -3.57 6.27 -33.80
C ARG A 394 -2.65 5.32 -34.56
N GLU A 395 -2.88 5.18 -35.87
CA GLU A 395 -2.08 4.28 -36.68
C GLU A 395 -0.60 4.64 -36.60
N GLU A 396 -0.28 5.93 -36.77
CA GLU A 396 1.11 6.36 -36.75
C GLU A 396 1.70 6.25 -35.35
N VAL A 397 0.91 6.58 -34.32
CA VAL A 397 1.43 6.49 -32.95
C VAL A 397 1.85 5.06 -32.66
N ASP A 398 0.98 4.09 -32.98
CA ASP A 398 1.32 2.69 -32.76
C ASP A 398 2.54 2.28 -33.58
N ARG A 399 2.61 2.72 -34.83
CA ARG A 399 3.77 2.39 -35.66
C ARG A 399 5.06 2.87 -35.00
N ARG A 400 5.05 4.09 -34.47
CA ARG A 400 6.23 4.58 -33.76
C ARG A 400 6.55 3.70 -32.56
N VAL A 401 5.54 3.36 -31.76
CA VAL A 401 5.76 2.52 -30.59
C VAL A 401 6.38 1.19 -30.98
N LEU A 402 6.00 0.66 -32.14
CA LEU A 402 6.47 -0.66 -32.57
C LEU A 402 7.77 -0.60 -33.36
N GLU A 403 8.14 0.55 -33.90
CA GLU A 403 9.25 0.62 -34.85
C GLU A 403 10.21 1.78 -34.62
N THR A 404 9.79 2.85 -33.97
CA THR A 404 10.62 4.05 -33.83
C THR A 404 11.34 4.06 -32.49
N GLU A 405 12.62 4.43 -32.52
CA GLU A 405 13.41 4.60 -31.32
C GLU A 405 13.22 6.03 -30.81
N GLU A 406 12.80 6.15 -29.55
CA GLU A 406 12.56 7.47 -28.99
C GLU A 406 13.87 8.26 -28.89
N VAL A 407 13.75 9.57 -28.96
CA VAL A 407 14.90 10.47 -28.86
C VAL A 407 14.89 11.13 -27.50
N TYR A 408 16.07 11.60 -27.08
CA TYR A 408 16.24 12.23 -25.78
C TYR A 408 16.90 13.58 -25.95
N SER A 409 16.71 14.43 -24.95
CA SER A 409 17.21 15.80 -24.96
C SER A 409 18.16 16.02 -23.78
N HIS A 410 18.63 17.26 -23.66
CA HIS A 410 19.50 17.64 -22.55
C HIS A 410 18.76 17.68 -21.22
N LYS A 411 17.43 17.54 -21.22
CA LYS A 411 16.71 17.44 -19.97
C LYS A 411 17.02 16.14 -19.24
N PHE A 412 17.59 15.16 -19.93
CA PHE A 412 17.88 13.86 -19.35
C PHE A 412 19.36 13.76 -19.01
N SER A 413 19.66 13.37 -17.78
CA SER A 413 21.01 12.91 -17.47
C SER A 413 21.28 11.61 -18.24
N GLU A 414 22.54 11.20 -18.26
CA GLU A 414 22.88 9.93 -18.91
C GLU A 414 22.14 8.78 -18.22
N GLU A 415 22.05 8.81 -16.89
CA GLU A 415 21.31 7.78 -16.17
C GLU A 415 19.82 7.82 -16.52
N ALA A 416 19.26 9.03 -16.65
CA ALA A 416 17.85 9.15 -17.02
C ALA A 416 17.61 8.57 -18.40
N LYS A 417 18.45 8.96 -19.38
CA LYS A 417 18.38 8.35 -20.70
C LYS A 417 18.42 6.83 -20.61
N SER A 418 19.38 6.31 -19.84
CA SER A 418 19.58 4.86 -19.74
C SER A 418 18.31 4.16 -19.29
N ILE A 419 17.81 4.52 -18.11
CA ILE A 419 16.65 3.80 -17.56
C ILE A 419 15.46 3.91 -18.51
N CYS A 420 15.28 5.06 -19.14
CA CYS A 420 14.12 5.26 -20.00
C CYS A 420 14.18 4.32 -21.20
N LYS A 421 15.33 4.26 -21.88
CA LYS A 421 15.42 3.42 -23.08
C LYS A 421 15.50 1.94 -22.71
N MET A 422 16.01 1.63 -21.51
CA MET A 422 15.98 0.24 -21.06
C MET A 422 14.54 -0.20 -20.76
N LEU A 423 13.76 0.67 -20.13
CA LEU A 423 12.36 0.35 -19.88
C LEU A 423 11.54 0.39 -21.15
N LEU A 424 11.96 1.18 -22.14
CA LEU A 424 11.27 1.27 -23.42
C LEU A 424 11.82 0.30 -24.46
N THR A 425 12.51 -0.75 -24.01
CA THR A 425 12.97 -1.78 -24.93
C THR A 425 11.76 -2.47 -25.57
N LYS A 426 11.74 -2.48 -26.90
CA LYS A 426 10.60 -3.08 -27.61
C LYS A 426 10.46 -4.55 -27.26
N ASP A 427 11.57 -5.27 -27.16
CA ASP A 427 11.55 -6.69 -26.84
C ASP A 427 11.31 -6.85 -25.34
N ALA A 428 10.09 -7.28 -24.97
CA ALA A 428 9.77 -7.46 -23.57
C ALA A 428 10.72 -8.43 -22.88
N LYS A 429 11.47 -9.23 -23.65
CA LYS A 429 12.41 -10.17 -23.05
C LYS A 429 13.65 -9.47 -22.52
N GLN A 430 14.07 -8.37 -23.14
CA GLN A 430 15.25 -7.64 -22.73
C GLN A 430 14.91 -6.38 -21.93
N ARG A 431 13.64 -6.17 -21.61
CA ARG A 431 13.23 -4.94 -20.95
C ARG A 431 13.59 -4.97 -19.47
N LEU A 432 14.03 -3.82 -18.96
CA LEU A 432 14.39 -3.72 -17.56
C LEU A 432 13.23 -4.16 -16.68
N GLY A 433 13.57 -4.82 -15.57
CA GLY A 433 12.58 -5.30 -14.63
C GLY A 433 11.83 -6.52 -15.07
N CYS A 434 12.01 -6.99 -16.30
CA CYS A 434 11.29 -8.14 -16.81
C CYS A 434 12.11 -9.42 -16.75
N GLN A 435 13.08 -9.48 -15.84
CA GLN A 435 13.85 -10.69 -15.60
C GLN A 435 13.31 -11.37 -14.34
N GLU A 436 14.00 -12.44 -13.91
CA GLU A 436 13.62 -13.10 -12.67
C GLU A 436 13.80 -12.19 -11.46
N GLU A 437 14.57 -11.11 -11.61
CA GLU A 437 14.79 -10.19 -10.49
C GLU A 437 13.58 -9.29 -10.26
N GLY A 438 12.93 -8.86 -11.34
CA GLY A 438 11.74 -8.04 -11.20
C GLY A 438 12.06 -6.59 -10.89
N ALA A 439 11.20 -5.97 -10.07
CA ALA A 439 11.39 -4.57 -9.71
C ALA A 439 12.74 -4.33 -9.04
N ALA A 440 13.35 -5.36 -8.47
CA ALA A 440 14.68 -5.21 -7.87
C ALA A 440 15.66 -4.65 -8.89
N GLU A 441 15.64 -5.18 -10.11
CA GLU A 441 16.57 -4.73 -11.13
C GLU A 441 16.39 -3.24 -11.43
N VAL A 442 15.17 -2.72 -11.26
CA VAL A 442 14.93 -1.31 -11.56
C VAL A 442 15.44 -0.43 -10.43
N LYS A 443 15.19 -0.81 -9.17
CA LYS A 443 15.66 -0.02 -8.05
C LYS A 443 17.18 0.11 -8.03
N ARG A 444 17.88 -0.83 -8.67
CA ARG A 444 19.34 -0.81 -8.70
C ARG A 444 19.90 0.01 -9.86
N HIS A 445 19.06 0.42 -10.81
CA HIS A 445 19.54 1.16 -11.97
C HIS A 445 20.18 2.48 -11.50
N PRO A 446 21.28 2.90 -12.12
CA PRO A 446 21.95 4.15 -11.68
C PRO A 446 21.05 5.38 -11.67
N PHE A 447 19.84 5.32 -12.25
CA PHE A 447 18.97 6.48 -12.24
C PHE A 447 18.43 6.76 -10.83
N PHE A 448 18.34 5.73 -10.00
CA PHE A 448 17.97 5.88 -8.59
C PHE A 448 19.18 5.81 -7.66
N ARG A 449 20.37 6.11 -8.18
CA ARG A 449 21.58 6.00 -7.36
C ARG A 449 21.50 6.87 -6.11
N ASN A 450 20.82 8.00 -6.17
CA ASN A 450 20.71 8.92 -5.05
C ASN A 450 19.39 8.76 -4.30
N MET A 451 18.70 7.64 -4.50
CA MET A 451 17.39 7.39 -3.90
C MET A 451 17.53 6.30 -2.85
N ASN A 452 17.17 6.62 -1.61
CA ASN A 452 17.16 5.66 -0.51
C ASN A 452 15.76 5.09 -0.43
N PHE A 453 15.57 3.89 -1.00
CA PHE A 453 14.23 3.31 -1.06
C PHE A 453 13.71 2.93 0.33
N LYS A 454 14.60 2.58 1.25
CA LYS A 454 14.15 2.30 2.62
C LYS A 454 13.48 3.53 3.22
N ARG A 455 14.08 4.70 3.05
CA ARG A 455 13.50 5.91 3.62
C ARG A 455 12.24 6.33 2.83
N LEU A 456 12.25 6.13 1.52
CA LEU A 456 11.06 6.46 0.73
C LEU A 456 9.88 5.60 1.14
N GLU A 457 10.08 4.28 1.21
CA GLU A 457 8.99 3.40 1.59
C GLU A 457 8.47 3.71 2.99
N ALA A 458 9.31 4.31 3.83
CA ALA A 458 8.92 4.70 5.18
C ALA A 458 8.34 6.10 5.22
N GLY A 459 8.01 6.69 4.07
CA GLY A 459 7.47 8.04 4.06
C GLY A 459 8.38 9.08 4.67
N MET A 460 9.69 8.83 4.67
CA MET A 460 10.64 9.73 5.32
C MET A 460 11.13 10.84 4.39
N LEU A 461 11.04 10.67 3.08
CA LEU A 461 11.51 11.67 2.14
C LEU A 461 10.39 12.68 1.84
N ASP A 462 10.73 13.96 1.89
CA ASP A 462 9.73 14.99 1.66
C ASP A 462 9.31 15.01 0.19
N PRO A 463 8.02 14.98 -0.11
CA PRO A 463 7.59 15.14 -1.50
C PRO A 463 8.05 16.47 -2.05
N PRO A 464 8.26 16.57 -3.37
CA PRO A 464 8.74 17.83 -3.95
C PRO A 464 7.66 18.89 -4.14
N PHE A 465 6.38 18.54 -4.05
CA PHE A 465 5.29 19.49 -4.19
C PHE A 465 4.18 19.09 -3.24
N VAL A 466 3.72 20.04 -2.43
CA VAL A 466 2.70 19.80 -1.42
C VAL A 466 1.44 20.55 -1.85
N PRO A 467 0.35 19.86 -2.19
CA PRO A 467 -0.89 20.57 -2.53
C PRO A 467 -1.39 21.41 -1.35
N ASP A 468 -1.90 22.59 -1.67
CA ASP A 468 -2.48 23.44 -0.64
C ASP A 468 -3.80 22.85 -0.15
N PRO A 469 -4.06 22.85 1.15
CA PRO A 469 -5.30 22.23 1.65
C PRO A 469 -6.55 22.73 0.94
N ARG A 470 -6.71 24.05 0.82
CA ARG A 470 -7.90 24.64 0.23
C ARG A 470 -7.95 24.50 -1.28
N ALA A 471 -6.95 23.87 -1.89
CA ALA A 471 -6.82 23.89 -3.34
C ALA A 471 -7.90 23.04 -4.01
N VAL A 472 -8.16 23.37 -5.27
CA VAL A 472 -9.10 22.64 -6.12
C VAL A 472 -8.35 22.34 -7.42
N TYR A 473 -7.91 21.11 -7.59
CA TYR A 473 -7.09 20.71 -8.74
C TYR A 473 -7.90 19.80 -9.65
N CYS A 474 -8.29 20.33 -10.81
CA CYS A 474 -8.99 19.53 -11.82
C CYS A 474 -8.90 20.22 -13.19
N ASN A 490 -33.53 -8.33 -13.12
CA ASN A 490 -33.41 -7.84 -11.74
C ASN A 490 -33.58 -8.98 -10.76
N LEU A 491 -34.63 -9.78 -10.96
CA LEU A 491 -34.89 -10.95 -10.13
C LEU A 491 -34.23 -12.22 -10.66
N ASP A 492 -33.28 -12.07 -11.61
CA ASP A 492 -32.58 -13.24 -12.12
C ASP A 492 -32.02 -14.10 -11.00
N HIS A 493 -31.65 -13.48 -9.87
CA HIS A 493 -31.14 -14.18 -8.70
C HIS A 493 -29.69 -14.61 -8.89
N THR A 494 -29.28 -14.82 -10.14
CA THR A 494 -27.85 -14.91 -10.41
C THR A 494 -27.15 -13.61 -10.04
N ASP A 495 -27.86 -12.48 -10.22
CA ASP A 495 -27.36 -11.19 -9.74
C ASP A 495 -27.16 -11.21 -8.23
N ASP A 496 -28.04 -11.92 -7.51
CA ASP A 496 -27.92 -11.99 -6.06
C ASP A 496 -26.63 -12.67 -5.63
N ASP A 497 -26.28 -13.79 -6.31
CA ASP A 497 -25.02 -14.44 -6.00
C ASP A 497 -23.85 -13.51 -6.27
N PHE A 498 -23.89 -12.80 -7.40
CA PHE A 498 -22.86 -11.81 -7.69
C PHE A 498 -22.81 -10.74 -6.61
N TYR A 499 -23.99 -10.25 -6.18
CA TYR A 499 -24.04 -9.29 -5.08
C TYR A 499 -23.21 -9.77 -3.89
N SER A 500 -23.40 -11.04 -3.50
CA SER A 500 -22.83 -11.52 -2.25
C SER A 500 -21.31 -11.58 -2.33
N LYS A 501 -20.76 -12.15 -3.41
CA LYS A 501 -19.31 -12.29 -3.50
C LYS A 501 -18.62 -10.93 -3.58
N PHE A 502 -19.30 -9.91 -4.12
CA PHE A 502 -18.70 -8.58 -4.16
C PHE A 502 -18.65 -7.96 -2.78
N SER A 503 -19.82 -7.81 -2.14
CA SER A 503 -19.95 -7.04 -0.90
C SER A 503 -19.48 -7.90 0.28
N THR A 504 -18.17 -7.99 0.41
CA THR A 504 -17.56 -8.71 1.53
C THR A 504 -17.48 -7.87 2.79
N GLY A 505 -17.69 -6.56 2.69
CA GLY A 505 -17.65 -5.71 3.86
C GLY A 505 -16.31 -5.02 4.09
N SER A 506 -16.02 -4.69 5.35
CA SER A 506 -14.82 -3.94 5.66
C SER A 506 -13.58 -4.78 5.42
N VAL A 507 -12.53 -4.14 4.90
CA VAL A 507 -11.23 -4.78 4.68
C VAL A 507 -10.40 -4.64 5.95
N SER A 508 -9.74 -5.73 6.35
CA SER A 508 -9.22 -5.83 7.71
C SER A 508 -8.15 -4.78 7.99
N ILE A 509 -7.05 -4.82 7.24
CA ILE A 509 -5.94 -3.91 7.52
C ILE A 509 -6.36 -2.46 7.35
N PRO A 510 -7.02 -2.05 6.26
CA PRO A 510 -7.47 -0.65 6.17
C PRO A 510 -8.39 -0.25 7.31
N TRP A 511 -9.31 -1.14 7.70
CA TRP A 511 -10.23 -0.81 8.78
C TRP A 511 -9.48 -0.54 10.08
N GLN A 512 -8.59 -1.45 10.47
CA GLN A 512 -7.82 -1.26 11.69
C GLN A 512 -7.00 0.02 11.62
N ASN A 513 -6.38 0.29 10.47
CA ASN A 513 -5.63 1.53 10.31
C ASN A 513 -6.53 2.75 10.45
N GLU A 514 -7.73 2.69 9.87
CA GLU A 514 -8.69 3.77 10.08
C GLU A 514 -8.96 3.98 11.56
N MET A 515 -9.23 2.90 12.29
CA MET A 515 -9.47 3.00 13.73
C MET A 515 -8.32 3.73 14.43
N ILE A 516 -7.08 3.46 14.00
CA ILE A 516 -5.92 4.03 14.67
C ILE A 516 -5.77 5.51 14.32
N GLU A 517 -5.88 5.84 13.04
CA GLU A 517 -5.65 7.22 12.61
C GLU A 517 -6.66 8.17 13.25
N THR A 518 -7.94 7.80 13.24
CA THR A 518 -8.97 8.65 13.84
C THR A 518 -8.91 8.67 15.36
N GLU A 519 -7.94 7.98 15.96
CA GLU A 519 -7.77 7.92 17.41
C GLU A 519 -8.94 7.25 18.13
N CYS A 520 -9.78 6.52 17.40
CA CYS A 520 -10.82 5.74 18.06
C CYS A 520 -10.21 4.59 18.86
N PHE A 521 -9.10 4.02 18.38
CA PHE A 521 -8.42 2.97 19.12
C PHE A 521 -7.80 3.52 20.41
N LYS A 522 -7.11 4.65 20.31
CA LYS A 522 -6.50 5.25 21.50
C LYS A 522 -7.54 5.55 22.56
N GLU A 523 -8.73 5.97 22.14
CA GLU A 523 -9.76 6.39 23.09
C GLU A 523 -10.49 5.19 23.69
N LEU A 524 -10.89 4.23 22.86
CA LEU A 524 -11.69 3.11 23.35
C LEU A 524 -10.82 2.04 24.02
N ASN A 525 -9.58 1.88 23.59
CA ASN A 525 -8.72 0.80 24.09
C ASN A 525 -8.22 1.15 25.49
N VAL A 526 -9.14 1.05 26.45
CA VAL A 526 -8.86 1.31 27.85
C VAL A 526 -9.21 0.07 28.65
N PHE A 527 -8.35 -0.27 29.59
CA PHE A 527 -8.52 -1.44 30.45
C PHE A 527 -8.89 -0.98 31.87
N GLY A 528 -8.76 -1.89 32.83
CA GLY A 528 -9.06 -1.57 34.20
C GLY A 528 -7.95 -0.79 34.85
N PRO A 529 -8.28 0.00 35.87
CA PRO A 529 -7.24 0.76 36.57
C PRO A 529 -6.22 -0.17 37.23
N ASN A 530 -4.95 0.11 36.97
CA ASN A 530 -3.84 -0.65 37.54
C ASN A 530 -3.84 -2.10 37.05
N GLY A 531 -3.94 -2.26 35.73
CA GLY A 531 -3.78 -3.56 35.12
C GLY A 531 -4.85 -4.57 35.44
N THR A 532 -5.99 -4.14 35.95
CA THR A 532 -7.09 -5.05 36.22
C THR A 532 -7.97 -5.18 34.97
N LEU A 533 -8.90 -6.12 35.03
CA LEU A 533 -9.76 -6.38 33.88
C LEU A 533 -10.89 -5.36 33.83
N PRO A 534 -11.16 -4.76 32.67
CA PRO A 534 -12.37 -3.94 32.52
C PRO A 534 -13.61 -4.82 32.48
N PRO A 535 -14.79 -4.26 32.72
CA PRO A 535 -16.00 -5.11 32.75
C PRO A 535 -16.23 -5.89 31.47
N ASP A 536 -16.00 -5.28 30.31
CA ASP A 536 -16.28 -5.95 29.04
C ASP A 536 -15.40 -7.17 28.82
N LEU A 537 -14.28 -7.28 29.54
CA LEU A 537 -13.35 -8.39 29.37
C LEU A 537 -13.41 -9.40 30.51
N ASN A 538 -14.36 -9.24 31.43
CA ASN A 538 -14.53 -10.16 32.56
C ASN A 538 -15.78 -10.98 32.33
N ARG A 539 -15.63 -12.30 32.27
CA ARG A 539 -16.74 -13.20 32.01
C ARG A 539 -17.70 -13.30 33.19
N ASN A 540 -17.44 -12.61 34.29
CA ASN A 540 -18.36 -12.54 35.42
C ASN A 540 -19.16 -11.25 35.34
N HIS A 541 -20.44 -11.34 35.69
CA HIS A 541 -21.38 -10.22 35.59
C HIS A 541 -21.31 -9.63 34.19
N PRO A 542 -21.81 -10.34 33.17
CA PRO A 542 -21.84 -9.85 31.79
C PRO A 542 -22.80 -8.68 31.59
C12 A1AQ9 B . -11.73 6.88 -13.77
C14 A1AQ9 B . -9.28 5.07 -7.10
C15 A1AQ9 B . -9.44 6.43 -6.74
C16 A1AQ9 B . -9.99 7.31 -7.62
C22 A1AQ9 B . -10.49 9.64 -7.59
C23 A1AQ9 B . -10.57 11.04 -6.96
C25 A1AQ9 B . -10.57 12.67 -5.53
C26 A1AQ9 B . -10.88 13.23 -6.75
C27 A1AQ9 B . -10.90 12.19 -7.67
C28 A1AQ9 B . -11.19 12.29 -9.17
C29 A1AQ9 B . -10.46 13.45 -4.22
O21 A1AQ9 B . -9.33 9.23 -4.89
C31 A1AQ9 B . -10.08 15.59 -7.28
C32 A1AQ9 B . -10.49 17.05 -7.45
C36 A1AQ9 B . -11.59 18.81 -8.02
C41 A1AQ9 B . -13.58 18.91 -9.43
C42 A1AQ9 B . -12.60 19.57 -8.67
C43 A1AQ9 B . -8.61 18.12 -5.98
C01 A1AQ9 B . -15.14 3.78 -13.15
C02 A1AQ9 B . -16.00 4.59 -12.43
C03 A1AQ9 B . -15.53 5.75 -11.84
C04 A1AQ9 B . -14.19 6.10 -11.97
C05 A1AQ9 B . -13.33 5.29 -12.69
C06 A1AQ9 B . -13.80 4.13 -13.28
C07 A1AQ9 B . -11.86 5.68 -12.83
C09 A1AQ9 B . -10.70 5.09 -10.64
C10 A1AQ9 B . -10.25 5.54 -9.26
C13 A1AQ9 B . -9.69 4.64 -8.36
C17 A1AQ9 B . -10.41 6.87 -8.90
C19 A1AQ9 B . -9.48 8.40 -5.72
C20 A1AQ9 B . -10.03 8.56 -6.98
C38 A1AQ9 B . -9.86 18.15 -6.86
C39 A1AQ9 B . -12.49 16.84 -8.87
C40 A1AQ9 B . -13.52 17.52 -9.53
F33 A1AQ9 B . -17.32 4.24 -12.31
N08 A1AQ9 B . -11.37 6.06 -11.51
N18 A1AQ9 B . -9.14 7.12 -5.59
N24 A1AQ9 B . -10.40 11.37 -5.69
N30 A1AQ9 B . -11.14 14.64 -6.98
N35 A1AQ9 B . -11.57 17.51 -8.14
N37 A1AQ9 B . -10.54 19.21 -7.24
O11 A1AQ9 B . -10.54 3.97 -11.01
O34 A1AQ9 B . -8.95 15.24 -7.38
H123 A1AQ9 B . -12.50 6.82 -14.52
H122 A1AQ9 B . -10.75 6.86 -14.25
H121 A1AQ9 B . -11.83 7.80 -13.21
H141 A1AQ9 B . -8.84 4.37 -6.40
H221 A1AQ9 B . -10.85 9.53 -8.60
H283 A1AQ9 B . -11.35 13.33 -9.43
H281 A1AQ9 B . -12.07 11.71 -9.40
H282 A1AQ9 B . -10.34 11.91 -9.73
H293 A1AQ9 B . -9.82 12.90 -3.53
H292 A1AQ9 B . -11.43 13.58 -3.78
H291 A1AQ9 B . -10.01 14.42 -4.41
H411 A1AQ9 B . -14.37 19.47 -9.93
H421 A1AQ9 B . -12.63 20.64 -8.57
H433 A1AQ9 B . -8.48 19.09 -5.51
H432 A1AQ9 B . -7.74 17.90 -6.59
H431 A1AQ9 B . -8.72 17.36 -5.21
H011 A1AQ9 B . -15.51 2.87 -13.61
H031 A1AQ9 B . -16.20 6.39 -11.29
H041 A1AQ9 B . -13.83 7.01 -11.51
H061 A1AQ9 B . -13.13 3.49 -13.84
H071 A1AQ9 B . -11.29 4.86 -13.22
H131 A1AQ9 B . -9.57 3.59 -8.63
H171 A1AQ9 B . -10.85 7.57 -9.60
H391 A1AQ9 B . -12.43 15.76 -8.93
H401 A1AQ9 B . -14.25 16.97 -10.11
H081 A1AQ9 B . -11.50 6.99 -11.19
H301 A1AQ9 B . -12.08 14.97 -6.91
#